data_1OI7
#
_entry.id   1OI7
#
_cell.length_a   61.540
_cell.length_b   61.540
_cell.length_c   60.877
_cell.angle_alpha   90.00
_cell.angle_beta   90.00
_cell.angle_gamma   120.00
#
_symmetry.space_group_name_H-M   'P 31'
#
loop_
_entity.id
_entity.type
_entity.pdbx_description
1 polymer 'SUCCINYL-COA SYNTHETASE ALPHA CHAIN'
2 water water
#
_entity_poly.entity_id   1
_entity_poly.type   'polypeptide(L)'
_entity_poly.pdbx_seq_one_letter_code
;MILVNRETRVLVQGITGREGQFHTKQMLTYGTKIVAGVTPGKGGMEVLGVPVYDTVKEAVAHHEVDASIIFVPAPAAADA
ALEAAHAGIPLIVLITEGIPTLDMVRAVEEIKALGSRLIGGNCPGIISAEETKIGIMPGHVFKRGRVGIISRSGTLTYEA
AAALSQAGLGTTTTVGIGGDPVIGTTFKDLLPLFNEDPETEAVVLIGEIGGSDEEEAAAWVKDHMKKPVVGFIGGRSAPK
GKRMGHAGAIIMGNVGTPESKLRAFAEAGIPVADTIDEIVELVKKALG
;
_entity_poly.pdbx_strand_id   A
#
# COMPACT_ATOMS: atom_id res chain seq x y z
N MET A 1 4.03 -12.44 -4.69
CA MET A 1 3.27 -11.41 -3.93
C MET A 1 3.92 -11.21 -2.58
N ILE A 2 3.66 -10.07 -1.96
CA ILE A 2 4.14 -9.81 -0.61
C ILE A 2 2.97 -9.35 0.25
N LEU A 3 3.08 -9.62 1.54
CA LEU A 3 2.10 -9.23 2.56
C LEU A 3 0.70 -9.81 2.53
N VAL A 4 0.02 -9.74 1.38
CA VAL A 4 -1.35 -10.22 1.28
C VAL A 4 -1.63 -10.99 0.00
N ASN A 5 -2.64 -11.86 0.06
CA ASN A 5 -3.08 -12.60 -1.11
C ASN A 5 -4.54 -12.97 -0.90
N ARG A 6 -5.08 -13.82 -1.77
CA ARG A 6 -6.49 -14.20 -1.67
C ARG A 6 -6.94 -14.70 -0.29
N GLU A 7 -6.05 -15.35 0.44
CA GLU A 7 -6.40 -15.88 1.76
C GLU A 7 -6.53 -14.83 2.86
N THR A 8 -6.01 -13.64 2.61
CA THR A 8 -6.05 -12.58 3.61
C THR A 8 -7.46 -12.20 4.06
N ARG A 9 -7.71 -12.34 5.36
CA ARG A 9 -9.01 -12.03 5.96
C ARG A 9 -9.00 -10.56 6.38
N VAL A 10 -9.94 -9.81 5.83
CA VAL A 10 -10.01 -8.37 6.04
C VAL A 10 -11.16 -7.79 6.85
N LEU A 11 -10.83 -6.78 7.66
CA LEU A 11 -11.78 -6.06 8.49
C LEU A 11 -11.87 -4.64 7.95
N VAL A 12 -13.09 -4.12 7.79
CA VAL A 12 -13.25 -2.75 7.29
C VAL A 12 -13.76 -1.83 8.40
N GLN A 13 -12.95 -0.85 8.75
CA GLN A 13 -13.32 0.14 9.77
C GLN A 13 -13.92 1.33 9.03
N GLY A 14 -15.10 1.75 9.45
CA GLY A 14 -15.79 2.85 8.78
C GLY A 14 -16.59 2.28 7.63
N ILE A 15 -17.01 1.03 7.79
CA ILE A 15 -17.75 0.30 6.76
C ILE A 15 -19.13 0.86 6.37
N THR A 16 -19.78 1.57 7.28
CA THR A 16 -21.11 2.11 7.00
C THR A 16 -21.12 3.44 6.25
N GLY A 17 -19.97 4.09 6.15
CA GLY A 17 -19.90 5.35 5.44
C GLY A 17 -20.05 5.14 3.94
N ARG A 18 -20.21 6.23 3.20
CA ARG A 18 -20.37 6.14 1.75
C ARG A 18 -19.16 5.46 1.11
N GLU A 19 -17.97 5.94 1.47
CA GLU A 19 -16.73 5.37 0.94
C GLU A 19 -16.56 3.92 1.37
N GLY A 20 -16.78 3.67 2.66
CA GLY A 20 -16.64 2.33 3.17
C GLY A 20 -17.55 1.33 2.46
N GLN A 21 -18.81 1.71 2.25
CA GLN A 21 -19.74 0.82 1.57
C GLN A 21 -19.36 0.60 0.12
N PHE A 22 -19.01 1.67 -0.58
CA PHE A 22 -18.65 1.57 -1.98
C PHE A 22 -17.44 0.65 -2.18
N HIS A 23 -16.40 0.84 -1.38
CA HIS A 23 -15.22 0.00 -1.54
C HIS A 23 -15.36 -1.40 -0.98
N THR A 24 -16.24 -1.58 0.00
CA THR A 24 -16.46 -2.93 0.51
C THR A 24 -17.05 -3.72 -0.65
N LYS A 25 -17.94 -3.08 -1.42
CA LYS A 25 -18.56 -3.72 -2.57
C LYS A 25 -17.50 -4.04 -3.63
N GLN A 26 -16.64 -3.06 -3.94
CA GLN A 26 -15.61 -3.27 -4.94
C GLN A 26 -14.65 -4.39 -4.52
N MET A 27 -14.25 -4.39 -3.25
CA MET A 27 -13.34 -5.42 -2.76
C MET A 27 -13.97 -6.80 -2.76
N LEU A 28 -15.23 -6.90 -2.32
CA LEU A 28 -15.90 -8.19 -2.31
C LEU A 28 -15.98 -8.75 -3.73
N THR A 29 -16.29 -7.88 -4.69
CA THR A 29 -16.39 -8.30 -6.08
C THR A 29 -15.02 -8.77 -6.60
N TYR A 30 -13.95 -8.14 -6.12
CA TYR A 30 -12.61 -8.49 -6.55
C TYR A 30 -12.18 -9.85 -6.01
N GLY A 31 -12.78 -10.25 -4.88
CA GLY A 31 -12.44 -11.52 -4.27
C GLY A 31 -11.82 -11.36 -2.89
N THR A 32 -11.70 -10.13 -2.43
CA THR A 32 -11.14 -9.87 -1.11
C THR A 32 -12.03 -10.51 -0.04
N LYS A 33 -11.42 -11.24 0.88
CA LYS A 33 -12.18 -11.89 1.94
C LYS A 33 -12.48 -10.97 3.12
N ILE A 34 -13.46 -10.09 2.93
CA ILE A 34 -13.87 -9.18 4.00
C ILE A 34 -14.77 -10.00 4.93
N VAL A 35 -14.32 -10.17 6.16
CA VAL A 35 -15.07 -10.97 7.13
C VAL A 35 -15.85 -10.19 8.17
N ALA A 36 -15.53 -8.92 8.34
CA ALA A 36 -16.22 -8.10 9.33
C ALA A 36 -16.01 -6.62 9.10
N GLY A 37 -16.83 -5.81 9.78
CA GLY A 37 -16.73 -4.37 9.67
C GLY A 37 -16.90 -3.76 11.05
N VAL A 38 -16.44 -2.52 11.21
CA VAL A 38 -16.55 -1.83 12.49
C VAL A 38 -16.90 -0.36 12.30
N THR A 39 -17.89 0.09 13.06
CA THR A 39 -18.32 1.48 13.05
C THR A 39 -19.03 1.71 14.38
N PRO A 40 -18.44 2.54 15.26
CA PRO A 40 -19.01 2.83 16.57
C PRO A 40 -20.47 3.28 16.46
N GLY A 41 -21.36 2.55 17.12
CA GLY A 41 -22.77 2.89 17.09
C GLY A 41 -23.57 2.11 16.06
N LYS A 42 -22.88 1.33 15.23
CA LYS A 42 -23.55 0.54 14.20
C LYS A 42 -23.44 -0.96 14.43
N GLY A 43 -22.91 -1.36 15.58
CA GLY A 43 -22.78 -2.78 15.87
C GLY A 43 -24.12 -3.48 15.79
N GLY A 44 -24.17 -4.61 15.11
CA GLY A 44 -25.41 -5.35 14.96
C GLY A 44 -25.95 -5.26 13.55
N MET A 45 -25.49 -4.24 12.82
CA MET A 45 -25.91 -4.04 11.44
C MET A 45 -25.14 -4.97 10.52
N GLU A 46 -25.50 -4.94 9.24
CA GLU A 46 -24.84 -5.77 8.24
C GLU A 46 -24.71 -4.96 6.96
N VAL A 47 -23.52 -4.99 6.37
CA VAL A 47 -23.27 -4.26 5.12
C VAL A 47 -22.85 -5.27 4.06
N LEU A 48 -23.67 -5.42 3.03
CA LEU A 48 -23.36 -6.35 1.95
C LEU A 48 -23.02 -7.74 2.48
N GLY A 49 -23.76 -8.17 3.48
CA GLY A 49 -23.53 -9.50 4.05
C GLY A 49 -22.43 -9.55 5.10
N VAL A 50 -21.73 -8.44 5.28
CA VAL A 50 -20.64 -8.37 6.25
C VAL A 50 -21.17 -7.91 7.61
N PRO A 51 -20.90 -8.68 8.66
CA PRO A 51 -21.38 -8.30 9.99
C PRO A 51 -20.62 -7.09 10.53
N VAL A 52 -21.34 -6.15 11.12
CA VAL A 52 -20.74 -4.94 11.67
C VAL A 52 -20.73 -4.97 13.20
N TYR A 53 -19.62 -4.51 13.78
CA TYR A 53 -19.46 -4.46 15.23
C TYR A 53 -19.11 -3.05 15.67
N ASP A 54 -19.31 -2.75 16.96
CA ASP A 54 -19.02 -1.43 17.50
C ASP A 54 -17.52 -1.18 17.68
N THR A 55 -16.75 -2.23 17.94
CA THR A 55 -15.32 -2.09 18.15
C THR A 55 -14.53 -3.21 17.48
N VAL A 56 -13.25 -2.96 17.27
CA VAL A 56 -12.38 -3.95 16.64
C VAL A 56 -12.24 -5.16 17.57
N LYS A 57 -12.16 -4.90 18.88
CA LYS A 57 -12.04 -5.97 19.85
C LYS A 57 -13.20 -6.95 19.74
N GLU A 58 -14.41 -6.42 19.59
CA GLU A 58 -15.59 -7.26 19.46
C GLU A 58 -15.56 -8.04 18.15
N ALA A 59 -15.13 -7.37 17.07
CA ALA A 59 -15.06 -8.00 15.76
C ALA A 59 -14.06 -9.17 15.76
N VAL A 60 -12.87 -8.94 16.30
CA VAL A 60 -11.85 -9.98 16.32
C VAL A 60 -12.20 -11.13 17.27
N ALA A 61 -13.15 -10.89 18.17
CA ALA A 61 -13.57 -11.92 19.11
C ALA A 61 -14.42 -12.95 18.36
N HIS A 62 -14.93 -12.58 17.19
CA HIS A 62 -15.76 -13.47 16.40
C HIS A 62 -15.14 -13.84 15.05
N HIS A 63 -14.12 -13.10 14.63
CA HIS A 63 -13.48 -13.36 13.35
C HIS A 63 -11.96 -13.22 13.38
N GLU A 64 -11.28 -14.17 12.75
CA GLU A 64 -9.83 -14.10 12.64
C GLU A 64 -9.58 -13.06 11.56
N VAL A 65 -8.73 -12.08 11.86
CA VAL A 65 -8.44 -11.00 10.92
C VAL A 65 -6.95 -10.84 10.67
N ASP A 66 -6.57 -10.78 9.39
CA ASP A 66 -5.16 -10.61 9.01
C ASP A 66 -4.83 -9.16 8.74
N ALA A 67 -5.82 -8.40 8.29
CA ALA A 67 -5.59 -6.99 7.98
C ALA A 67 -6.85 -6.18 8.09
N SER A 68 -6.69 -4.89 8.34
CA SER A 68 -7.83 -3.98 8.43
C SER A 68 -7.58 -2.81 7.49
N ILE A 69 -8.67 -2.27 6.95
CA ILE A 69 -8.58 -1.10 6.08
C ILE A 69 -9.52 -0.08 6.70
N ILE A 70 -9.02 1.15 6.82
CA ILE A 70 -9.74 2.22 7.49
C ILE A 70 -10.23 3.37 6.60
N PHE A 71 -11.53 3.64 6.71
CA PHE A 71 -12.18 4.72 5.96
C PHE A 71 -12.77 5.75 6.94
N VAL A 72 -12.37 5.65 8.20
CA VAL A 72 -12.83 6.55 9.27
C VAL A 72 -12.45 8.01 9.01
N PRO A 73 -13.34 8.95 9.38
CA PRO A 73 -13.07 10.39 9.17
C PRO A 73 -11.73 10.81 9.78
N ALA A 74 -11.08 11.77 9.11
CA ALA A 74 -9.76 12.26 9.53
C ALA A 74 -9.55 12.51 11.02
N PRO A 75 -10.48 13.22 11.68
CA PRO A 75 -10.34 13.49 13.11
C PRO A 75 -10.23 12.26 14.01
N ALA A 76 -10.78 11.13 13.56
CA ALA A 76 -10.74 9.91 14.37
C ALA A 76 -9.99 8.77 13.71
N ALA A 77 -9.47 8.99 12.52
CA ALA A 77 -8.75 7.96 11.78
C ALA A 77 -7.50 7.41 12.47
N ALA A 78 -6.71 8.28 13.07
CA ALA A 78 -5.50 7.85 13.76
C ALA A 78 -5.87 6.91 14.91
N ASP A 79 -6.91 7.27 15.66
CA ASP A 79 -7.35 6.44 16.77
C ASP A 79 -7.86 5.09 16.27
N ALA A 80 -8.51 5.09 15.10
CA ALA A 80 -9.02 3.85 14.53
C ALA A 80 -7.85 2.92 14.22
N ALA A 81 -6.75 3.48 13.73
CA ALA A 81 -5.57 2.68 13.41
C ALA A 81 -4.99 2.11 14.70
N LEU A 82 -4.95 2.93 15.74
CA LEU A 82 -4.45 2.47 17.03
C LEU A 82 -5.33 1.37 17.59
N GLU A 83 -6.64 1.51 17.39
CA GLU A 83 -7.59 0.51 17.88
C GLU A 83 -7.30 -0.85 17.25
N ALA A 84 -7.02 -0.85 15.94
CA ALA A 84 -6.72 -2.08 15.23
C ALA A 84 -5.44 -2.71 15.77
N ALA A 85 -4.43 -1.89 16.01
CA ALA A 85 -3.15 -2.37 16.53
C ALA A 85 -3.29 -2.97 17.93
N HIS A 86 -4.08 -2.33 18.78
CA HIS A 86 -4.27 -2.84 20.13
C HIS A 86 -5.02 -4.17 20.12
N ALA A 87 -5.76 -4.42 19.04
CA ALA A 87 -6.51 -5.65 18.89
C ALA A 87 -5.63 -6.76 18.33
N GLY A 88 -4.40 -6.41 17.95
CA GLY A 88 -3.49 -7.41 17.43
C GLY A 88 -3.47 -7.62 15.93
N ILE A 89 -4.22 -6.80 15.18
CA ILE A 89 -4.25 -6.94 13.73
C ILE A 89 -2.87 -6.61 13.16
N PRO A 90 -2.22 -7.59 12.51
CA PRO A 90 -0.88 -7.48 11.91
C PRO A 90 -0.65 -6.40 10.87
N LEU A 91 -1.62 -6.19 9.98
CA LEU A 91 -1.50 -5.21 8.91
C LEU A 91 -2.66 -4.23 8.93
N ILE A 92 -2.34 -2.95 8.91
CA ILE A 92 -3.35 -1.89 8.96
C ILE A 92 -3.18 -0.94 7.79
N VAL A 93 -4.21 -0.82 6.96
CA VAL A 93 -4.19 0.05 5.80
C VAL A 93 -5.06 1.27 6.07
N LEU A 94 -4.42 2.42 6.23
CA LEU A 94 -5.10 3.67 6.54
C LEU A 94 -5.27 4.54 5.30
N ILE A 95 -6.48 4.54 4.74
CA ILE A 95 -6.78 5.29 3.54
C ILE A 95 -6.96 6.80 3.74
N THR A 96 -7.73 7.14 4.76
CA THR A 96 -8.09 8.52 5.08
C THR A 96 -7.06 9.62 4.89
N GLU A 97 -7.48 10.66 4.16
CA GLU A 97 -6.66 11.83 3.87
C GLU A 97 -7.00 12.95 4.86
N GLY A 98 -6.04 13.84 5.12
CA GLY A 98 -6.29 14.95 6.03
C GLY A 98 -6.03 14.72 7.51
N ILE A 99 -5.39 13.61 7.85
CA ILE A 99 -5.11 13.33 9.25
C ILE A 99 -4.03 14.30 9.74
N PRO A 100 -4.28 14.97 10.89
CA PRO A 100 -3.29 15.91 11.42
C PRO A 100 -1.93 15.24 11.56
N THR A 101 -0.87 15.94 11.15
CA THR A 101 0.49 15.39 11.22
C THR A 101 0.83 14.83 12.60
N LEU A 102 0.47 15.56 13.65
CA LEU A 102 0.75 15.11 15.00
C LEU A 102 0.05 13.79 15.30
N ASP A 103 -1.22 13.68 14.88
CA ASP A 103 -1.99 12.46 15.07
C ASP A 103 -1.30 11.31 14.35
N MET A 104 -0.89 11.59 13.12
CA MET A 104 -0.23 10.60 12.27
C MET A 104 1.08 10.08 12.84
N VAL A 105 1.95 10.99 13.29
CA VAL A 105 3.23 10.57 13.84
C VAL A 105 3.04 9.73 15.10
N ARG A 106 2.10 10.12 15.94
CA ARG A 106 1.85 9.37 17.17
C ARG A 106 1.36 7.96 16.85
N ALA A 107 0.49 7.84 15.85
CA ALA A 107 -0.03 6.53 15.46
C ALA A 107 1.09 5.67 14.88
N VAL A 108 1.92 6.26 14.02
CA VAL A 108 3.02 5.52 13.42
C VAL A 108 3.94 4.93 14.49
N GLU A 109 4.37 5.77 15.43
CA GLU A 109 5.27 5.33 16.48
C GLU A 109 4.67 4.25 17.40
N GLU A 110 3.45 4.46 17.86
CA GLU A 110 2.83 3.48 18.76
C GLU A 110 2.52 2.16 18.08
N ILE A 111 1.98 2.21 16.86
CA ILE A 111 1.65 1.01 16.12
C ILE A 111 2.91 0.22 15.82
N LYS A 112 3.99 0.92 15.50
CA LYS A 112 5.26 0.28 15.21
C LYS A 112 5.74 -0.46 16.46
N ALA A 113 5.60 0.19 17.62
CA ALA A 113 6.01 -0.41 18.88
C ALA A 113 5.13 -1.60 19.26
N LEU A 114 3.87 -1.57 18.84
CA LEU A 114 2.95 -2.66 19.15
C LEU A 114 3.21 -3.91 18.31
N GLY A 115 3.89 -3.71 17.17
CA GLY A 115 4.20 -4.85 16.32
C GLY A 115 3.40 -4.98 15.04
N SER A 116 2.52 -4.02 14.77
CA SER A 116 1.70 -4.06 13.56
C SER A 116 2.33 -3.19 12.47
N ARG A 117 2.04 -3.53 11.21
CA ARG A 117 2.56 -2.78 10.09
C ARG A 117 1.47 -1.83 9.62
N LEU A 118 1.79 -0.54 9.55
CA LEU A 118 0.85 0.47 9.14
C LEU A 118 1.19 1.05 7.77
N ILE A 119 0.25 0.97 6.84
CA ILE A 119 0.43 1.54 5.51
C ILE A 119 -0.47 2.77 5.49
N GLY A 120 0.12 3.94 5.27
CA GLY A 120 -0.65 5.17 5.24
C GLY A 120 -0.23 6.13 6.35
N GLY A 121 -1.05 7.13 6.69
CA GLY A 121 -2.33 7.35 6.05
C GLY A 121 -2.30 8.04 4.70
N ASN A 122 -3.46 8.56 4.28
CA ASN A 122 -3.63 9.22 2.99
C ASN A 122 -2.92 8.44 1.88
N CYS A 123 -3.36 7.21 1.67
CA CYS A 123 -2.79 6.37 0.64
C CYS A 123 -3.89 5.51 0.02
N PRO A 124 -3.62 4.95 -1.17
CA PRO A 124 -4.64 4.11 -1.82
C PRO A 124 -4.68 2.66 -1.37
N GLY A 125 -3.68 2.22 -0.62
CA GLY A 125 -3.69 0.86 -0.14
C GLY A 125 -2.77 -0.14 -0.83
N ILE A 126 -3.11 -1.41 -0.71
CA ILE A 126 -2.32 -2.48 -1.28
C ILE A 126 -3.16 -3.44 -2.10
N ILE A 127 -2.59 -3.92 -3.20
CA ILE A 127 -3.26 -4.88 -4.05
C ILE A 127 -2.25 -5.93 -4.52
N SER A 128 -2.66 -7.19 -4.45
CA SER A 128 -1.84 -8.29 -4.95
C SER A 128 -2.67 -8.72 -6.15
N ALA A 129 -2.13 -8.44 -7.33
CA ALA A 129 -2.82 -8.68 -8.59
C ALA A 129 -3.51 -10.02 -8.74
N GLU A 130 -4.81 -9.95 -8.94
CA GLU A 130 -5.66 -11.12 -9.13
C GLU A 130 -5.65 -12.07 -7.94
N GLU A 131 -5.32 -11.52 -6.77
CA GLU A 131 -5.31 -12.27 -5.51
C GLU A 131 -6.24 -11.58 -4.52
N THR A 132 -5.92 -10.34 -4.15
CA THR A 132 -6.77 -9.61 -3.22
C THR A 132 -6.56 -8.11 -3.36
N LYS A 133 -7.60 -7.36 -3.01
CA LYS A 133 -7.58 -5.90 -3.09
C LYS A 133 -7.93 -5.28 -1.75
N ILE A 134 -7.00 -4.53 -1.18
CA ILE A 134 -7.24 -3.88 0.10
C ILE A 134 -6.88 -2.41 -0.08
N GLY A 135 -7.74 -1.71 -0.80
CA GLY A 135 -7.52 -0.30 -1.08
C GLY A 135 -8.57 0.26 -2.02
N ILE A 136 -8.33 1.46 -2.51
CA ILE A 136 -9.28 2.15 -3.38
C ILE A 136 -8.78 2.30 -4.81
N MET A 137 -7.67 1.66 -5.13
CA MET A 137 -7.11 1.75 -6.47
C MET A 137 -8.01 1.10 -7.51
N PRO A 138 -7.90 1.54 -8.78
CA PRO A 138 -8.74 0.94 -9.83
C PRO A 138 -8.18 -0.47 -10.03
N GLY A 139 -8.99 -1.48 -9.70
CA GLY A 139 -8.52 -2.85 -9.80
C GLY A 139 -8.19 -3.41 -11.17
N HIS A 140 -8.87 -2.93 -12.20
CA HIS A 140 -8.68 -3.46 -13.55
C HIS A 140 -7.31 -3.22 -14.21
N VAL A 141 -6.54 -2.25 -13.73
CA VAL A 141 -5.24 -1.99 -14.33
C VAL A 141 -4.12 -2.88 -13.78
N PHE A 142 -4.45 -3.69 -12.78
CA PHE A 142 -3.46 -4.57 -12.17
C PHE A 142 -3.56 -6.01 -12.64
N LYS A 143 -3.11 -6.29 -13.85
CA LYS A 143 -3.12 -7.66 -14.34
C LYS A 143 -1.92 -8.34 -13.71
N ARG A 144 -2.08 -9.61 -13.35
CA ARG A 144 -1.01 -10.35 -12.70
C ARG A 144 0.19 -10.60 -13.60
N GLY A 145 1.37 -10.39 -13.03
CA GLY A 145 2.60 -10.57 -13.77
C GLY A 145 3.81 -10.72 -12.86
N ARG A 146 4.90 -10.04 -13.22
CA ARG A 146 6.14 -10.18 -12.48
C ARG A 146 6.79 -8.93 -11.88
N VAL A 147 6.12 -7.78 -11.94
CA VAL A 147 6.70 -6.54 -11.43
C VAL A 147 6.03 -6.00 -10.17
N GLY A 148 6.82 -5.78 -9.13
CA GLY A 148 6.29 -5.22 -7.89
C GLY A 148 6.39 -3.71 -7.98
N ILE A 149 5.50 -3.00 -7.28
CA ILE A 149 5.51 -1.55 -7.29
C ILE A 149 5.34 -0.96 -5.90
N ILE A 150 6.15 0.05 -5.58
CA ILE A 150 6.03 0.78 -4.32
C ILE A 150 5.97 2.23 -4.80
N SER A 151 4.91 2.94 -4.43
CA SER A 151 4.73 4.29 -4.92
C SER A 151 4.14 5.30 -3.96
N ARG A 152 4.67 6.52 -4.00
CA ARG A 152 4.16 7.62 -3.18
C ARG A 152 3.09 8.38 -3.94
N SER A 153 2.80 7.96 -5.17
CA SER A 153 1.80 8.61 -6.02
C SER A 153 0.79 7.66 -6.63
N GLY A 154 -0.46 7.77 -6.21
CA GLY A 154 -1.49 6.91 -6.77
C GLY A 154 -1.59 7.15 -8.27
N THR A 155 -1.61 8.41 -8.66
CA THR A 155 -1.69 8.81 -10.06
C THR A 155 -0.73 8.03 -10.95
N LEU A 156 0.55 8.10 -10.62
CA LEU A 156 1.58 7.43 -11.41
C LEU A 156 1.53 5.91 -11.29
N THR A 157 1.10 5.43 -10.14
CA THR A 157 0.99 3.99 -9.93
C THR A 157 0.06 3.35 -10.96
N TYR A 158 -1.11 3.96 -11.16
CA TYR A 158 -2.08 3.40 -12.08
C TYR A 158 -1.63 3.48 -13.53
N GLU A 159 -0.94 4.55 -13.88
CA GLU A 159 -0.42 4.68 -15.24
C GLU A 159 0.63 3.59 -15.47
N ALA A 160 1.49 3.39 -14.49
CA ALA A 160 2.54 2.39 -14.60
C ALA A 160 1.97 0.97 -14.66
N ALA A 161 1.03 0.67 -13.77
CA ALA A 161 0.43 -0.65 -13.74
C ALA A 161 -0.30 -0.97 -15.03
N ALA A 162 -1.07 -0.01 -15.55
CA ALA A 162 -1.81 -0.23 -16.78
C ALA A 162 -0.84 -0.47 -17.94
N ALA A 163 0.26 0.29 -17.98
CA ALA A 163 1.25 0.14 -19.03
C ALA A 163 1.94 -1.21 -18.93
N LEU A 164 2.28 -1.62 -17.72
CA LEU A 164 2.95 -2.91 -17.52
C LEU A 164 2.01 -4.04 -17.92
N SER A 165 0.72 -3.88 -17.63
CA SER A 165 -0.27 -4.89 -17.97
C SER A 165 -0.41 -5.00 -19.50
N GLN A 166 -0.50 -3.85 -20.16
CA GLN A 166 -0.63 -3.83 -21.61
C GLN A 166 0.59 -4.42 -22.31
N ALA A 167 1.76 -4.29 -21.66
CA ALA A 167 3.00 -4.79 -22.23
C ALA A 167 3.20 -6.29 -21.97
N GLY A 168 2.31 -6.89 -21.17
CA GLY A 168 2.42 -8.30 -20.88
C GLY A 168 3.33 -8.63 -19.71
N LEU A 169 3.87 -7.61 -19.06
CA LEU A 169 4.75 -7.82 -17.91
C LEU A 169 3.95 -8.06 -16.63
N GLY A 170 2.86 -7.30 -16.48
CA GLY A 170 2.03 -7.45 -15.31
C GLY A 170 2.68 -7.06 -14.01
N THR A 171 1.94 -7.24 -12.92
CA THR A 171 2.42 -6.88 -11.60
C THR A 171 2.16 -7.95 -10.55
N THR A 172 2.90 -7.88 -9.46
CA THR A 172 2.70 -8.80 -8.36
C THR A 172 1.93 -7.98 -7.32
N THR A 173 2.63 -7.46 -6.31
CA THR A 173 1.98 -6.64 -5.30
C THR A 173 2.36 -5.18 -5.52
N THR A 174 1.37 -4.30 -5.39
CA THR A 174 1.57 -2.87 -5.52
C THR A 174 1.16 -2.24 -4.21
N VAL A 175 2.05 -1.44 -3.64
CA VAL A 175 1.74 -0.75 -2.40
C VAL A 175 1.81 0.75 -2.60
N GLY A 176 0.67 1.41 -2.43
CA GLY A 176 0.61 2.86 -2.52
C GLY A 176 0.84 3.31 -1.09
N ILE A 177 2.07 3.71 -0.79
CA ILE A 177 2.44 4.09 0.57
C ILE A 177 2.03 5.49 1.01
N GLY A 178 1.59 6.32 0.07
CA GLY A 178 1.19 7.68 0.43
C GLY A 178 2.31 8.67 0.18
N GLY A 179 1.95 9.90 -0.19
CA GLY A 179 2.95 10.90 -0.47
C GLY A 179 3.19 11.94 0.60
N ASP A 180 2.43 11.90 1.69
CA ASP A 180 2.60 12.88 2.76
C ASP A 180 3.91 12.66 3.52
N PRO A 181 4.37 13.69 4.25
CA PRO A 181 5.62 13.59 5.01
C PRO A 181 5.71 12.42 5.99
N VAL A 182 4.62 12.16 6.70
CA VAL A 182 4.60 11.08 7.68
C VAL A 182 3.77 9.88 7.22
N ILE A 183 4.45 8.76 6.99
CA ILE A 183 3.79 7.52 6.58
C ILE A 183 4.34 6.37 7.41
N GLY A 184 3.55 5.32 7.57
CA GLY A 184 3.98 4.20 8.39
C GLY A 184 4.87 3.15 7.76
N THR A 185 4.80 3.02 6.44
CA THR A 185 5.59 2.03 5.72
C THR A 185 6.15 2.69 4.47
N THR A 186 7.45 2.53 4.23
CA THR A 186 8.03 3.14 3.06
C THR A 186 8.88 2.17 2.23
N PHE A 187 9.55 2.70 1.21
CA PHE A 187 10.36 1.88 0.30
C PHE A 187 11.25 0.84 0.96
N LYS A 188 12.12 1.30 1.87
CA LYS A 188 13.06 0.42 2.54
C LYS A 188 12.41 -0.70 3.35
N ASP A 189 11.18 -0.49 3.81
CA ASP A 189 10.49 -1.51 4.58
C ASP A 189 9.97 -2.64 3.69
N LEU A 190 9.61 -2.30 2.45
CA LEU A 190 9.04 -3.27 1.53
C LEU A 190 10.03 -3.93 0.58
N LEU A 191 11.10 -3.23 0.23
CA LEU A 191 12.09 -3.78 -0.68
C LEU A 191 12.61 -5.16 -0.28
N PRO A 192 12.90 -5.38 1.02
CA PRO A 192 13.39 -6.71 1.41
C PRO A 192 12.36 -7.81 1.14
N LEU A 193 11.07 -7.49 1.31
CA LEU A 193 10.02 -8.47 1.08
C LEU A 193 9.97 -8.83 -0.41
N PHE A 194 10.03 -7.81 -1.27
CA PHE A 194 10.03 -8.07 -2.71
C PHE A 194 11.29 -8.82 -3.12
N ASN A 195 12.41 -8.47 -2.48
CA ASN A 195 13.69 -9.09 -2.79
C ASN A 195 13.65 -10.60 -2.55
N GLU A 196 12.86 -11.02 -1.57
CA GLU A 196 12.75 -12.44 -1.22
C GLU A 196 11.54 -13.15 -1.84
N ASP A 197 10.75 -12.42 -2.63
CA ASP A 197 9.57 -13.00 -3.27
C ASP A 197 9.95 -13.49 -4.67
N PRO A 198 10.04 -14.82 -4.87
CA PRO A 198 10.41 -15.36 -6.18
C PRO A 198 9.50 -14.96 -7.34
N GLU A 199 8.24 -14.66 -7.06
CA GLU A 199 7.31 -14.27 -8.13
C GLU A 199 7.66 -12.89 -8.69
N THR A 200 8.29 -12.05 -7.86
CA THR A 200 8.65 -10.71 -8.29
C THR A 200 10.03 -10.72 -8.95
N GLU A 201 10.07 -10.35 -10.22
CA GLU A 201 11.34 -10.34 -10.96
C GLU A 201 11.97 -8.96 -11.09
N ALA A 202 11.19 -7.92 -10.78
CA ALA A 202 11.68 -6.55 -10.84
C ALA A 202 10.78 -5.69 -9.97
N VAL A 203 11.33 -4.59 -9.46
CA VAL A 203 10.56 -3.68 -8.62
C VAL A 203 10.67 -2.26 -9.16
N VAL A 204 9.53 -1.58 -9.22
CA VAL A 204 9.47 -0.21 -9.68
C VAL A 204 9.22 0.68 -8.46
N LEU A 205 10.07 1.69 -8.29
CA LEU A 205 9.95 2.64 -7.19
C LEU A 205 9.50 3.97 -7.76
N ILE A 206 8.36 4.47 -7.30
CA ILE A 206 7.83 5.74 -7.76
C ILE A 206 7.86 6.73 -6.60
N GLY A 207 8.69 7.75 -6.74
CA GLY A 207 8.81 8.75 -5.69
C GLY A 207 8.44 10.14 -6.15
N GLU A 208 8.72 11.12 -5.29
CA GLU A 208 8.44 12.50 -5.59
C GLU A 208 9.24 13.38 -4.64
N ILE A 209 9.03 14.69 -4.74
CA ILE A 209 9.74 15.64 -3.90
C ILE A 209 9.42 15.45 -2.41
N GLY A 210 10.36 15.86 -1.56
CA GLY A 210 10.16 15.75 -0.13
C GLY A 210 10.65 14.47 0.51
N GLY A 211 11.10 14.59 1.76
CA GLY A 211 11.57 13.44 2.49
C GLY A 211 12.90 12.90 2.02
N SER A 212 13.31 11.79 2.63
CA SER A 212 14.57 11.15 2.30
C SER A 212 14.40 9.65 2.06
N ASP A 213 13.17 9.20 1.91
CA ASP A 213 12.92 7.77 1.71
C ASP A 213 13.50 7.21 0.43
N GLU A 214 13.42 7.98 -0.66
CA GLU A 214 13.97 7.52 -1.94
C GLU A 214 15.47 7.37 -1.84
N GLU A 215 16.13 8.35 -1.23
CA GLU A 215 17.58 8.33 -1.08
C GLU A 215 18.01 7.12 -0.24
N GLU A 216 17.30 6.90 0.86
CA GLU A 216 17.61 5.77 1.73
C GLU A 216 17.37 4.43 1.03
N ALA A 217 16.30 4.36 0.24
CA ALA A 217 15.98 3.13 -0.49
C ALA A 217 17.06 2.82 -1.51
N ALA A 218 17.58 3.84 -2.18
CA ALA A 218 18.61 3.65 -3.18
C ALA A 218 19.83 3.00 -2.55
N ALA A 219 20.22 3.48 -1.38
CA ALA A 219 21.38 2.94 -0.67
C ALA A 219 21.16 1.47 -0.33
N TRP A 220 19.95 1.13 0.11
CA TRP A 220 19.63 -0.24 0.46
C TRP A 220 19.70 -1.14 -0.77
N VAL A 221 19.10 -0.68 -1.87
CA VAL A 221 19.09 -1.44 -3.12
C VAL A 221 20.50 -1.73 -3.59
N LYS A 222 21.36 -0.72 -3.56
CA LYS A 222 22.74 -0.88 -4.00
C LYS A 222 23.48 -1.98 -3.24
N ASP A 223 23.23 -2.09 -1.94
CA ASP A 223 23.91 -3.09 -1.13
C ASP A 223 23.21 -4.42 -0.92
N HIS A 224 21.90 -4.50 -1.17
CA HIS A 224 21.20 -5.76 -0.92
C HIS A 224 20.28 -6.34 -1.98
N MET A 225 19.85 -5.54 -2.94
CA MET A 225 18.94 -6.06 -3.96
C MET A 225 19.55 -7.14 -4.84
N LYS A 226 18.77 -8.18 -5.12
CA LYS A 226 19.22 -9.29 -5.95
C LYS A 226 18.42 -9.40 -7.25
N LYS A 227 17.66 -8.35 -7.55
CA LYS A 227 16.87 -8.30 -8.76
C LYS A 227 16.76 -6.86 -9.24
N PRO A 228 16.39 -6.65 -10.51
CA PRO A 228 16.28 -5.29 -11.06
C PRO A 228 15.30 -4.35 -10.37
N VAL A 229 15.71 -3.09 -10.27
CA VAL A 229 14.88 -2.04 -9.70
C VAL A 229 14.92 -0.88 -10.70
N VAL A 230 13.75 -0.30 -10.96
CA VAL A 230 13.62 0.82 -11.87
C VAL A 230 12.93 1.94 -11.11
N GLY A 231 13.44 3.16 -11.25
CA GLY A 231 12.86 4.27 -10.53
C GLY A 231 12.18 5.31 -11.41
N PHE A 232 11.32 6.10 -10.78
CA PHE A 232 10.61 7.17 -11.45
C PHE A 232 10.33 8.22 -10.39
N ILE A 233 10.60 9.47 -10.70
CA ILE A 233 10.35 10.56 -9.77
C ILE A 233 9.34 11.51 -10.39
N GLY A 234 8.23 11.71 -9.70
CA GLY A 234 7.20 12.59 -10.22
C GLY A 234 7.51 14.06 -10.05
N GLY A 235 6.79 14.89 -10.79
CA GLY A 235 6.98 16.33 -10.69
C GLY A 235 8.27 16.87 -11.29
N ARG A 236 8.76 16.25 -12.35
CA ARG A 236 9.98 16.71 -13.00
C ARG A 236 9.66 17.62 -14.18
N VAL A 255 18.97 16.88 0.26
CA VAL A 255 17.99 15.80 0.38
C VAL A 255 16.57 16.35 0.33
N GLY A 256 15.68 15.63 -0.33
CA GLY A 256 14.29 16.06 -0.43
C GLY A 256 13.94 16.66 -1.78
N THR A 257 14.95 16.96 -2.59
CA THR A 257 14.71 17.54 -3.91
C THR A 257 14.71 16.47 -4.98
N PRO A 258 14.06 16.75 -6.13
CA PRO A 258 14.04 15.76 -7.21
C PRO A 258 15.47 15.44 -7.65
N GLU A 259 16.31 16.47 -7.67
CA GLU A 259 17.70 16.32 -8.06
C GLU A 259 18.43 15.35 -7.13
N SER A 260 18.17 15.50 -5.84
CA SER A 260 18.80 14.63 -4.83
C SER A 260 18.38 13.18 -5.02
N LYS A 261 17.11 12.96 -5.34
CA LYS A 261 16.61 11.61 -5.50
C LYS A 261 17.10 10.99 -6.81
N LEU A 262 17.17 11.79 -7.88
CA LEU A 262 17.65 11.29 -9.15
C LEU A 262 19.13 10.93 -9.02
N ARG A 263 19.87 11.77 -8.30
CA ARG A 263 21.30 11.52 -8.09
C ARG A 263 21.49 10.25 -7.26
N ALA A 264 20.65 10.08 -6.24
CA ALA A 264 20.74 8.90 -5.38
C ALA A 264 20.48 7.62 -6.19
N PHE A 265 19.43 7.64 -7.00
CA PHE A 265 19.11 6.47 -7.82
C PHE A 265 20.27 6.19 -8.78
N ALA A 266 20.74 7.23 -9.45
CA ALA A 266 21.83 7.10 -10.41
C ALA A 266 23.08 6.49 -9.78
N GLU A 267 23.50 7.02 -8.62
CA GLU A 267 24.68 6.51 -7.95
C GLU A 267 24.49 5.09 -7.43
N ALA A 268 23.24 4.68 -7.24
CA ALA A 268 22.93 3.33 -6.75
C ALA A 268 22.82 2.34 -7.91
N GLY A 269 22.90 2.86 -9.13
CA GLY A 269 22.80 2.00 -10.30
C GLY A 269 21.37 1.68 -10.69
N ILE A 270 20.42 2.44 -10.14
CA ILE A 270 19.01 2.23 -10.43
C ILE A 270 18.60 3.05 -11.64
N PRO A 271 18.28 2.39 -12.76
CA PRO A 271 17.87 3.12 -13.97
C PRO A 271 16.62 3.94 -13.67
N VAL A 272 16.56 5.15 -14.21
CA VAL A 272 15.41 6.02 -13.99
C VAL A 272 14.65 6.24 -15.29
N ALA A 273 13.34 6.05 -15.23
CA ALA A 273 12.48 6.26 -16.39
C ALA A 273 12.01 7.71 -16.36
N ASP A 274 12.05 8.37 -17.51
CA ASP A 274 11.61 9.75 -17.59
C ASP A 274 10.12 9.81 -17.93
N THR A 275 9.60 8.72 -18.46
CA THR A 275 8.20 8.60 -18.83
C THR A 275 7.66 7.25 -18.39
N ILE A 276 6.35 7.10 -18.41
CA ILE A 276 5.74 5.83 -18.03
C ILE A 276 6.18 4.73 -19.00
N ASP A 277 6.22 5.04 -20.28
CA ASP A 277 6.64 4.05 -21.27
C ASP A 277 8.07 3.57 -21.00
N GLU A 278 8.92 4.46 -20.51
CA GLU A 278 10.29 4.08 -20.22
C GLU A 278 10.36 3.11 -19.05
N ILE A 279 9.36 3.12 -18.17
CA ILE A 279 9.36 2.18 -17.05
C ILE A 279 9.26 0.78 -17.65
N VAL A 280 8.35 0.62 -18.59
CA VAL A 280 8.15 -0.65 -19.27
C VAL A 280 9.41 -1.07 -20.03
N GLU A 281 9.97 -0.14 -20.79
CA GLU A 281 11.17 -0.43 -21.57
C GLU A 281 12.35 -0.80 -20.70
N LEU A 282 12.54 -0.10 -19.58
CA LEU A 282 13.65 -0.41 -18.69
C LEU A 282 13.49 -1.77 -18.01
N VAL A 283 12.26 -2.14 -17.67
CA VAL A 283 12.05 -3.44 -17.05
C VAL A 283 12.36 -4.53 -18.08
N LYS A 284 11.88 -4.34 -19.31
CA LYS A 284 12.14 -5.31 -20.37
C LYS A 284 13.63 -5.46 -20.60
N LYS A 285 14.34 -4.33 -20.62
CA LYS A 285 15.78 -4.32 -20.84
C LYS A 285 16.50 -5.10 -19.74
N ALA A 286 16.12 -4.86 -18.49
CA ALA A 286 16.74 -5.52 -17.35
C ALA A 286 16.52 -7.02 -17.30
N LEU A 287 15.36 -7.47 -17.76
CA LEU A 287 15.05 -8.89 -17.74
C LEU A 287 15.56 -9.64 -18.98
N GLY A 288 15.79 -8.90 -20.06
CA GLY A 288 16.30 -9.52 -21.28
C GLY A 288 15.35 -10.49 -21.95
#